data_4LHE
#
_entry.id   4LHE
#
_cell.length_a   99.755
_cell.length_b   106.191
_cell.length_c   43.053
_cell.angle_alpha   90.00
_cell.angle_beta   90.00
_cell.angle_gamma   90.00
#
_symmetry.space_group_name_H-M   'P 21 21 2'
#
loop_
_entity.id
_entity.type
_entity.pdbx_description
1 polymer 'Thermostable monoacylglycerol lipase'
2 non-polymer 'CHLORIDE ION'
3 non-polymer 'SULFATE ION'
4 water water
#
_entity_poly.entity_id   1
_entity_poly.type   'polypeptide(L)'
_entity_poly.pdbx_seq_one_letter_code
;MSEQYPVLSGAEPFYAENGPVGVLLVHGFTGTPHSMRPLAEAYAKAGYTVCLPRLKGHGTHYEDMERTTFHDWVASVEEG
YGWLKQRCQTIFVTGLSMGGTLTLYLAEHHPDICGIVPINAAVDIPAIAAGMTGGGELPRYLDSIGSDLKNPDVKELAYE
KTPTASLLQLARLMAQTKAKLDRIVCPALIFVSDEDHVVPPGNADIIFQGISSTEKEIVRLRNSYHVATLDYDQPMIIER
SLEFFAKHAG
;
_entity_poly.pdbx_strand_id   A,B
#
loop_
_chem_comp.id
_chem_comp.type
_chem_comp.name
_chem_comp.formula
CL non-polymer 'CHLORIDE ION' 'Cl -1'
SO4 non-polymer 'SULFATE ION' 'O4 S -2'
#
# COMPACT_ATOMS: atom_id res chain seq x y z
N MET A 1 -14.06 9.69 -5.13
CA MET A 1 -12.67 9.46 -5.48
C MET A 1 -11.70 10.33 -4.66
N SER A 2 -10.67 9.69 -4.11
CA SER A 2 -9.54 10.43 -3.54
C SER A 2 -8.51 10.61 -4.68
N GLU A 3 -9.03 10.65 -5.90
CA GLU A 3 -8.22 10.95 -7.08
C GLU A 3 -7.89 12.44 -7.11
N GLN A 4 -6.61 12.75 -7.21
CA GLN A 4 -6.11 14.13 -7.10
C GLN A 4 -5.88 14.74 -8.48
N TYR A 5 -5.89 13.89 -9.51
CA TYR A 5 -5.54 14.31 -10.87
C TYR A 5 -6.70 14.09 -11.85
N PRO A 6 -6.72 14.86 -12.95
CA PRO A 6 -7.83 14.76 -13.91
C PRO A 6 -7.67 13.61 -14.94
N VAL A 7 -8.75 13.22 -15.59
CA VAL A 7 -8.73 12.08 -16.53
C VAL A 7 -8.01 12.43 -17.83
N LEU A 8 -7.08 11.56 -18.25
CA LEU A 8 -6.34 11.75 -19.49
C LEU A 8 -7.30 11.72 -20.66
N SER A 9 -6.97 12.48 -21.71
CA SER A 9 -7.76 12.46 -22.93
C SER A 9 -7.64 11.06 -23.56
N GLY A 10 -8.78 10.42 -23.81
CA GLY A 10 -8.79 9.09 -24.40
C GLY A 10 -9.09 8.01 -23.38
N ALA A 11 -9.04 8.40 -22.11
CA ALA A 11 -9.17 7.47 -20.99
C ALA A 11 -10.55 7.56 -20.33
N GLU A 12 -11.49 8.24 -20.98
CA GLU A 12 -12.84 8.39 -20.44
C GLU A 12 -13.60 7.06 -20.51
N PRO A 13 -14.43 6.79 -19.49
CA PRO A 13 -15.31 5.62 -19.59
C PRO A 13 -16.34 5.75 -20.71
N PHE A 14 -17.02 4.65 -21.04
CA PHE A 14 -17.95 4.62 -22.16
C PHE A 14 -19.19 3.84 -21.75
N TYR A 15 -20.35 4.48 -21.83
CA TYR A 15 -21.63 3.83 -21.56
C TYR A 15 -22.55 3.94 -22.78
N ALA A 16 -23.30 2.87 -23.07
CA ALA A 16 -24.29 2.91 -24.13
C ALA A 16 -25.44 1.97 -23.84
N GLU A 17 -26.65 2.50 -23.88
CA GLU A 17 -27.86 1.74 -23.59
C GLU A 17 -28.74 1.32 -24.75
N ASN A 18 -28.58 0.07 -25.15
CA ASN A 18 -29.31 -0.48 -26.28
C ASN A 18 -30.37 -1.56 -26.12
N GLY A 19 -29.95 -2.82 -26.00
CA GLY A 19 -30.90 -3.91 -25.85
C GLY A 19 -30.64 -4.47 -24.46
N PRO A 20 -31.42 -5.48 -24.08
CA PRO A 20 -31.50 -6.07 -22.74
C PRO A 20 -30.32 -6.99 -22.43
N VAL A 21 -29.49 -7.27 -23.42
CA VAL A 21 -28.24 -7.96 -23.14
C VAL A 21 -27.08 -6.96 -22.93
N GLY A 22 -26.32 -7.15 -21.86
CA GLY A 22 -25.27 -6.20 -21.50
C GLY A 22 -23.87 -6.77 -21.53
N VAL A 23 -22.89 -5.94 -21.89
CA VAL A 23 -21.51 -6.35 -21.79
C VAL A 23 -20.72 -5.36 -20.92
N LEU A 24 -20.12 -5.89 -19.86
CA LEU A 24 -19.20 -5.13 -19.01
C LEU A 24 -17.78 -5.39 -19.54
N LEU A 25 -17.02 -4.32 -19.83
CA LEU A 25 -15.64 -4.49 -20.30
C LEU A 25 -14.61 -3.93 -19.29
N VAL A 26 -13.64 -4.75 -18.91
CA VAL A 26 -12.73 -4.34 -17.84
C VAL A 26 -11.31 -4.21 -18.35
N HIS A 27 -10.77 -2.98 -18.33
CA HIS A 27 -9.40 -2.72 -18.77
C HIS A 27 -8.40 -3.24 -17.75
N GLY A 28 -7.10 -3.17 -18.08
CA GLY A 28 -6.08 -3.80 -17.26
C GLY A 28 -5.37 -2.90 -16.25
N PHE A 29 -4.34 -3.46 -15.61
CA PHE A 29 -3.60 -2.86 -14.49
C PHE A 29 -2.86 -1.58 -14.84
N THR A 30 -2.08 -1.59 -15.91
CA THR A 30 -1.41 -0.36 -16.31
C THR A 30 -2.36 0.64 -17.03
N GLY A 31 -3.41 0.12 -17.66
CA GLY A 31 -4.12 0.85 -18.71
C GLY A 31 -5.34 1.68 -18.35
N THR A 32 -6.20 1.89 -19.36
CA THR A 32 -7.35 2.78 -19.27
C THR A 32 -8.43 2.19 -20.14
N PRO A 33 -9.64 2.78 -20.14
CA PRO A 33 -10.65 2.33 -21.12
C PRO A 33 -10.20 2.33 -22.57
N HIS A 34 -9.12 3.03 -22.92
CA HIS A 34 -8.68 3.06 -24.32
C HIS A 34 -8.46 1.65 -24.90
N SER A 35 -7.80 0.78 -24.14
CA SER A 35 -7.52 -0.57 -24.60
C SER A 35 -8.78 -1.40 -24.89
N MET A 36 -9.90 -1.04 -24.25
CA MET A 36 -11.14 -1.81 -24.44
C MET A 36 -12.18 -1.13 -25.34
N ARG A 37 -11.98 0.13 -25.69
CA ARG A 37 -12.97 0.88 -26.46
C ARG A 37 -13.35 0.31 -27.84
N PRO A 38 -12.38 -0.28 -28.58
CA PRO A 38 -12.86 -0.76 -29.88
C PRO A 38 -13.82 -1.93 -29.73
N LEU A 39 -13.60 -2.78 -28.73
CA LEU A 39 -14.55 -3.84 -28.42
C LEU A 39 -15.90 -3.25 -28.01
N ALA A 40 -15.88 -2.32 -27.05
CA ALA A 40 -17.10 -1.73 -26.52
C ALA A 40 -17.95 -1.10 -27.64
N GLU A 41 -17.30 -0.36 -28.52
CA GLU A 41 -17.99 0.27 -29.65
C GLU A 41 -18.59 -0.73 -30.63
N ALA A 42 -17.83 -1.75 -30.99
CA ALA A 42 -18.37 -2.87 -31.81
C ALA A 42 -19.55 -3.62 -31.17
N TYR A 43 -19.52 -3.84 -29.85
CA TYR A 43 -20.64 -4.56 -29.20
C TYR A 43 -21.90 -3.67 -29.11
N ALA A 44 -21.68 -2.38 -28.87
CA ALA A 44 -22.76 -1.41 -28.85
C ALA A 44 -23.44 -1.34 -30.21
N LYS A 45 -22.64 -1.31 -31.28
CA LYS A 45 -23.19 -1.31 -32.63
C LYS A 45 -23.96 -2.60 -32.96
N ALA A 46 -23.57 -3.71 -32.35
CA ALA A 46 -24.30 -4.95 -32.58
C ALA A 46 -25.59 -5.03 -31.77
N GLY A 47 -25.86 -4.03 -30.93
CA GLY A 47 -27.14 -3.99 -30.21
C GLY A 47 -27.05 -4.18 -28.71
N TYR A 48 -25.84 -4.35 -28.18
CA TYR A 48 -25.68 -4.60 -26.77
C TYR A 48 -25.60 -3.32 -25.96
N THR A 49 -26.18 -3.35 -24.76
CA THR A 49 -25.87 -2.34 -23.76
C THR A 49 -24.45 -2.64 -23.29
N VAL A 50 -23.66 -1.59 -23.17
CA VAL A 50 -22.23 -1.74 -22.95
C VAL A 50 -21.79 -0.83 -21.80
N CYS A 51 -20.98 -1.35 -20.89
CA CYS A 51 -20.43 -0.55 -19.80
C CYS A 51 -18.91 -0.73 -19.73
N LEU A 52 -18.18 0.37 -19.89
CA LEU A 52 -16.72 0.32 -19.89
C LEU A 52 -16.21 1.36 -18.91
N PRO A 53 -16.15 0.97 -17.63
CA PRO A 53 -15.73 1.88 -16.54
C PRO A 53 -14.24 2.15 -16.58
N ARG A 54 -13.85 3.25 -15.96
CA ARG A 54 -12.45 3.60 -15.75
C ARG A 54 -12.12 3.18 -14.33
N LEU A 55 -11.20 2.23 -14.14
CA LEU A 55 -10.90 1.75 -12.79
C LEU A 55 -10.31 2.88 -11.95
N LYS A 56 -10.74 2.98 -10.69
CA LYS A 56 -10.16 4.00 -9.79
C LYS A 56 -8.63 4.01 -9.84
N GLY A 57 -8.06 5.20 -9.97
CA GLY A 57 -6.61 5.35 -9.95
C GLY A 57 -5.97 5.20 -11.32
N HIS A 58 -6.79 4.83 -12.30
CA HIS A 58 -6.31 4.60 -13.67
C HIS A 58 -6.72 5.75 -14.59
N GLY A 59 -5.90 6.02 -15.61
CA GLY A 59 -6.24 7.06 -16.56
C GLY A 59 -6.12 8.46 -16.01
N THR A 60 -5.40 8.62 -14.91
CA THR A 60 -5.12 9.95 -14.36
C THR A 60 -3.60 10.16 -14.22
N HIS A 61 -3.04 9.64 -13.13
CA HIS A 61 -1.62 9.84 -12.80
C HIS A 61 -1.20 8.66 -11.91
N TYR A 62 0.07 8.28 -11.92
CA TYR A 62 0.46 7.09 -11.15
C TYR A 62 0.40 7.27 -9.63
N GLU A 63 0.38 8.52 -9.16
CA GLU A 63 0.25 8.80 -7.74
C GLU A 63 -1.15 8.48 -7.23
N ASP A 64 -2.16 8.79 -8.05
CA ASP A 64 -3.53 8.37 -7.79
C ASP A 64 -3.59 6.85 -7.70
N MET A 65 -3.05 6.19 -8.71
CA MET A 65 -2.93 4.73 -8.71
C MET A 65 -2.32 4.20 -7.40
N GLU A 66 -1.27 4.87 -6.94
CA GLU A 66 -0.51 4.40 -5.78
C GLU A 66 -1.34 4.27 -4.51
N ARG A 67 -2.31 5.16 -4.31
CA ARG A 67 -3.08 5.13 -3.07
C ARG A 67 -4.30 4.19 -3.10
N THR A 68 -4.66 3.71 -4.30
CA THR A 68 -5.77 2.76 -4.41
C THR A 68 -5.37 1.36 -3.98
N THR A 69 -6.36 0.58 -3.57
CA THR A 69 -6.16 -0.84 -3.26
C THR A 69 -6.91 -1.63 -4.31
N PHE A 70 -6.67 -2.94 -4.38
CA PHE A 70 -7.46 -3.79 -5.29
C PHE A 70 -8.94 -3.76 -4.91
N HIS A 71 -9.24 -3.47 -3.65
CA HIS A 71 -10.63 -3.29 -3.23
C HIS A 71 -11.29 -2.12 -3.97
N ASP A 72 -10.52 -1.07 -4.27
CA ASP A 72 -11.04 0.04 -5.06
C ASP A 72 -11.38 -0.38 -6.50
N TRP A 73 -10.51 -1.20 -7.08
CA TRP A 73 -10.68 -1.65 -8.47
C TRP A 73 -11.86 -2.58 -8.57
N VAL A 74 -11.99 -3.49 -7.61
CA VAL A 74 -13.18 -4.33 -7.50
C VAL A 74 -14.44 -3.50 -7.39
N ALA A 75 -14.37 -2.43 -6.58
CA ALA A 75 -15.51 -1.56 -6.41
C ALA A 75 -15.90 -0.90 -7.74
N SER A 76 -14.91 -0.45 -8.52
CA SER A 76 -15.18 0.15 -9.83
C SER A 76 -15.91 -0.82 -10.73
N VAL A 77 -15.46 -2.07 -10.74
CA VAL A 77 -16.08 -3.11 -11.56
C VAL A 77 -17.46 -3.50 -11.03
N GLU A 78 -17.60 -3.53 -9.70
CA GLU A 78 -18.89 -3.87 -9.08
C GLU A 78 -19.97 -2.87 -9.43
N GLU A 79 -19.59 -1.59 -9.42
CA GLU A 79 -20.45 -0.46 -9.77
C GLU A 79 -20.81 -0.51 -11.26
N GLY A 80 -19.89 -0.99 -12.09
CA GLY A 80 -20.21 -1.19 -13.49
C GLY A 80 -21.18 -2.35 -13.70
N TYR A 81 -20.97 -3.43 -12.97
CA TYR A 81 -21.90 -4.55 -12.99
C TYR A 81 -23.29 -4.12 -12.49
N GLY A 82 -23.30 -3.28 -11.47
CA GLY A 82 -24.55 -2.78 -10.92
C GLY A 82 -25.31 -1.90 -11.89
N TRP A 83 -24.57 -1.04 -12.59
CA TRP A 83 -25.15 -0.20 -13.64
C TRP A 83 -25.81 -1.06 -14.70
N LEU A 84 -25.13 -2.13 -15.11
CA LEU A 84 -25.66 -3.05 -16.12
C LEU A 84 -26.88 -3.81 -15.60
N LYS A 85 -26.79 -4.29 -14.35
CA LYS A 85 -27.87 -5.09 -13.79
C LYS A 85 -29.19 -4.32 -13.69
N GLN A 86 -29.10 -3.00 -13.53
CA GLN A 86 -30.31 -2.17 -13.54
C GLN A 86 -30.98 -2.16 -14.91
N ARG A 87 -30.19 -2.37 -15.95
CA ARG A 87 -30.62 -2.07 -17.31
C ARG A 87 -30.78 -3.31 -18.18
N CYS A 88 -30.24 -4.43 -17.74
CA CYS A 88 -30.16 -5.63 -18.59
C CYS A 88 -30.58 -6.85 -17.80
N GLN A 89 -31.10 -7.86 -18.50
CA GLN A 89 -31.46 -9.09 -17.82
C GLN A 89 -30.50 -10.22 -18.15
N THR A 90 -29.51 -9.92 -18.99
CA THR A 90 -28.44 -10.87 -19.30
C THR A 90 -27.13 -10.08 -19.23
N ILE A 91 -26.12 -10.64 -18.57
CA ILE A 91 -24.86 -9.91 -18.43
C ILE A 91 -23.69 -10.79 -18.82
N PHE A 92 -22.83 -10.28 -19.71
CA PHE A 92 -21.55 -10.92 -19.97
C PHE A 92 -20.43 -10.01 -19.53
N VAL A 93 -19.31 -10.59 -19.14
CA VAL A 93 -18.16 -9.81 -18.70
C VAL A 93 -16.93 -10.21 -19.54
N THR A 94 -16.15 -9.21 -19.95
CA THR A 94 -14.90 -9.45 -20.67
C THR A 94 -13.84 -8.45 -20.18
N GLY A 95 -12.58 -8.83 -20.24
CA GLY A 95 -11.56 -7.92 -19.78
C GLY A 95 -10.19 -8.35 -20.17
N LEU A 96 -9.27 -7.39 -20.24
CA LEU A 96 -7.90 -7.65 -20.64
C LEU A 96 -6.95 -7.76 -19.43
N SER A 97 -6.15 -8.82 -19.40
CA SER A 97 -5.12 -8.97 -18.37
C SER A 97 -5.83 -8.75 -17.03
N MET A 98 -5.26 -7.95 -16.12
CA MET A 98 -5.98 -7.64 -14.87
C MET A 98 -7.51 -7.46 -15.00
N GLY A 99 -7.95 -6.96 -16.14
CA GLY A 99 -9.40 -6.85 -16.36
C GLY A 99 -9.96 -8.25 -16.51
N GLY A 100 -9.13 -9.17 -16.97
CA GLY A 100 -9.49 -10.58 -17.03
C GLY A 100 -9.50 -11.22 -15.65
N THR A 101 -8.60 -10.78 -14.79
CA THR A 101 -8.60 -11.25 -13.42
C THR A 101 -9.89 -10.78 -12.72
N LEU A 102 -10.27 -9.54 -13.00
CA LEU A 102 -11.42 -8.91 -12.37
C LEU A 102 -12.71 -9.47 -12.91
N THR A 103 -12.65 -9.97 -14.16
CA THR A 103 -13.77 -10.64 -14.78
C THR A 103 -14.00 -11.97 -14.08
N LEU A 104 -12.92 -12.73 -13.89
CA LEU A 104 -12.98 -13.99 -13.16
C LEU A 104 -13.52 -13.75 -11.77
N TYR A 105 -12.99 -12.72 -11.12
CA TYR A 105 -13.38 -12.36 -9.75
C TYR A 105 -14.88 -12.16 -9.65
N LEU A 106 -15.42 -11.37 -10.57
CA LEU A 106 -16.83 -11.02 -10.56
C LEU A 106 -17.72 -12.24 -10.81
N ALA A 107 -17.25 -13.14 -11.67
CA ALA A 107 -17.99 -14.35 -11.95
C ALA A 107 -18.06 -15.22 -10.68
N GLU A 108 -16.97 -15.22 -9.91
CA GLU A 108 -16.93 -15.92 -8.62
C GLU A 108 -17.94 -15.39 -7.60
N HIS A 109 -18.28 -14.11 -7.71
CA HIS A 109 -19.16 -13.49 -6.74
C HIS A 109 -20.61 -13.36 -7.21
N HIS A 110 -20.82 -13.46 -8.52
CA HIS A 110 -22.16 -13.36 -9.10
C HIS A 110 -22.41 -14.45 -10.19
N PRO A 111 -22.79 -15.67 -9.80
CA PRO A 111 -23.14 -16.59 -10.90
C PRO A 111 -24.47 -16.32 -11.66
N ASP A 112 -25.10 -15.16 -11.45
CA ASP A 112 -26.16 -14.76 -12.37
C ASP A 112 -25.55 -14.32 -13.71
N ILE A 113 -24.24 -14.12 -13.72
CA ILE A 113 -23.52 -13.77 -14.94
C ILE A 113 -23.65 -14.87 -15.99
N CYS A 114 -24.10 -14.50 -17.18
CA CYS A 114 -24.41 -15.52 -18.20
C CYS A 114 -23.18 -15.99 -18.97
N GLY A 115 -22.03 -15.35 -18.76
CA GLY A 115 -20.81 -15.78 -19.43
C GLY A 115 -19.63 -14.83 -19.29
N ILE A 116 -18.42 -15.34 -19.45
CA ILE A 116 -17.23 -14.50 -19.34
C ILE A 116 -16.26 -14.68 -20.49
N VAL A 117 -15.59 -13.58 -20.85
CA VAL A 117 -14.57 -13.61 -21.90
C VAL A 117 -13.26 -12.97 -21.44
N PRO A 118 -12.48 -13.70 -20.62
CA PRO A 118 -11.19 -13.16 -20.18
C PRO A 118 -10.16 -13.20 -21.31
N ILE A 119 -9.34 -12.17 -21.46
CA ILE A 119 -8.35 -12.12 -22.53
C ILE A 119 -6.99 -11.92 -21.90
N ASN A 120 -6.07 -12.86 -22.08
CA ASN A 120 -4.76 -12.81 -21.42
C ASN A 120 -4.85 -12.52 -19.91
N ALA A 121 -5.87 -13.07 -19.27
CA ALA A 121 -6.14 -12.87 -17.85
C ALA A 121 -4.97 -13.37 -17.00
N ALA A 122 -4.67 -12.61 -15.96
CA ALA A 122 -3.55 -12.88 -15.05
C ALA A 122 -4.02 -13.54 -13.77
N VAL A 123 -3.48 -14.72 -13.46
CA VAL A 123 -3.92 -15.51 -12.31
C VAL A 123 -2.74 -15.99 -11.45
N ASP A 124 -1.58 -16.16 -12.07
CA ASP A 124 -0.38 -16.55 -11.34
C ASP A 124 0.88 -16.04 -12.05
N ILE A 125 1.37 -14.87 -11.65
CA ILE A 125 2.58 -14.30 -12.26
C ILE A 125 3.83 -14.49 -11.39
N PRO A 126 4.73 -15.38 -11.84
CA PRO A 126 6.04 -15.62 -11.22
C PRO A 126 6.80 -14.31 -11.05
N ALA A 127 7.13 -13.69 -12.18
CA ALA A 127 7.86 -12.44 -12.18
C ALA A 127 6.90 -11.26 -11.97
N ILE A 128 6.57 -11.03 -10.70
CA ILE A 128 5.72 -9.92 -10.25
C ILE A 128 6.24 -8.62 -10.85
N ALA A 129 7.40 -8.21 -10.35
CA ALA A 129 8.14 -7.07 -10.87
C ALA A 129 9.41 -7.60 -11.49
N ALA A 130 9.28 -8.26 -12.63
CA ALA A 130 10.38 -9.00 -13.22
C ALA A 130 11.59 -8.09 -13.20
N GLY A 131 12.57 -8.50 -12.44
CA GLY A 131 13.83 -7.79 -12.29
C GLY A 131 14.00 -6.28 -12.27
N MET A 132 13.09 -5.59 -11.58
CA MET A 132 13.26 -4.18 -11.25
C MET A 132 13.59 -3.99 -9.77
N THR A 133 12.86 -4.73 -8.94
CA THR A 133 13.18 -4.88 -7.53
C THR A 133 13.63 -6.30 -7.26
N GLY A 134 14.43 -6.48 -6.22
CA GLY A 134 14.63 -7.79 -5.64
C GLY A 134 13.63 -7.76 -4.49
N GLY A 135 13.54 -8.86 -3.75
CA GLY A 135 12.70 -8.88 -2.57
C GLY A 135 12.84 -7.82 -1.50
N GLY A 136 13.93 -7.06 -1.60
CA GLY A 136 14.29 -6.06 -0.61
C GLY A 136 14.99 -4.82 -1.11
N GLU A 137 14.55 -4.29 -2.24
CA GLU A 137 15.22 -3.18 -2.90
C GLU A 137 14.16 -2.22 -2.35
N LEU A 138 12.91 -2.51 -2.76
CA LEU A 138 11.73 -1.70 -2.42
C LEU A 138 11.76 -0.28 -2.96
N PRO A 139 12.00 -0.12 -4.27
CA PRO A 139 11.80 1.24 -4.81
C PRO A 139 10.32 1.58 -4.74
N ARG A 140 10.00 2.87 -4.67
CA ARG A 140 8.61 3.29 -4.68
C ARG A 140 7.97 2.93 -6.02
N TYR A 141 8.70 3.20 -7.09
CA TYR A 141 8.20 3.02 -8.45
C TYR A 141 9.13 2.16 -9.27
N LEU A 142 8.57 1.39 -10.20
CA LEU A 142 9.34 0.74 -11.26
C LEU A 142 8.99 1.41 -12.57
N ASP A 143 10.01 1.68 -13.38
CA ASP A 143 9.77 2.25 -14.70
C ASP A 143 9.09 1.17 -15.53
N SER A 144 8.08 1.57 -16.30
CA SER A 144 7.33 0.60 -17.10
C SER A 144 8.10 0.32 -18.38
N ILE A 145 8.00 -0.92 -18.85
CA ILE A 145 8.83 -1.42 -19.94
C ILE A 145 8.33 -0.95 -21.32
N GLY A 146 7.12 -0.41 -21.36
CA GLY A 146 6.50 -0.07 -22.64
C GLY A 146 5.43 -1.09 -22.98
N SER A 147 4.70 -0.87 -24.06
CA SER A 147 3.58 -1.75 -24.39
C SER A 147 4.04 -3.02 -25.09
N ASP A 148 3.61 -4.17 -24.60
CA ASP A 148 3.78 -5.40 -25.36
C ASP A 148 2.67 -5.51 -26.38
N LEU A 149 2.85 -4.80 -27.50
CA LEU A 149 1.87 -4.70 -28.58
C LEU A 149 2.61 -4.84 -29.89
N LYS A 150 2.11 -5.68 -30.79
CA LYS A 150 2.83 -5.91 -32.04
C LYS A 150 2.61 -4.78 -33.04
N ASN A 151 1.35 -4.53 -33.39
CA ASN A 151 0.94 -3.44 -34.26
C ASN A 151 1.48 -2.10 -33.76
N PRO A 152 2.35 -1.45 -34.56
CA PRO A 152 3.04 -0.22 -34.15
C PRO A 152 2.21 1.04 -34.40
N ASP A 153 1.08 0.91 -35.07
CA ASP A 153 0.26 2.09 -35.39
C ASP A 153 -0.83 2.38 -34.34
N VAL A 154 -0.81 1.63 -33.24
CA VAL A 154 -1.72 1.89 -32.13
C VAL A 154 -0.89 2.02 -30.86
N LYS A 155 -1.53 2.43 -29.77
CA LYS A 155 -0.76 2.59 -28.53
C LYS A 155 -1.65 2.47 -27.30
N GLU A 156 -1.02 2.16 -26.17
CA GLU A 156 -1.68 2.17 -24.88
C GLU A 156 -1.54 3.57 -24.31
N LEU A 157 -2.41 3.94 -23.36
CA LEU A 157 -2.23 5.20 -22.62
C LEU A 157 -1.82 4.89 -21.19
N ALA A 158 -1.11 3.79 -20.98
CA ALA A 158 -0.68 3.37 -19.64
C ALA A 158 0.43 4.27 -19.07
N TYR A 159 0.51 4.34 -17.74
CA TYR A 159 1.49 5.18 -17.05
C TYR A 159 2.93 4.79 -17.42
N GLU A 160 3.88 5.68 -17.17
CA GLU A 160 5.30 5.36 -17.44
C GLU A 160 5.99 4.78 -16.20
N LYS A 161 5.37 4.94 -15.04
CA LYS A 161 5.87 4.34 -13.80
C LYS A 161 4.76 3.55 -13.10
N THR A 162 5.13 2.42 -12.49
CA THR A 162 4.17 1.61 -11.76
C THR A 162 4.53 1.61 -10.28
N PRO A 163 3.59 2.01 -9.42
CA PRO A 163 3.81 2.05 -7.97
C PRO A 163 3.95 0.63 -7.47
N THR A 164 4.95 0.36 -6.65
CA THR A 164 5.20 -1.00 -6.25
C THR A 164 4.21 -1.40 -5.19
N ALA A 165 3.62 -0.40 -4.53
CA ALA A 165 2.51 -0.65 -3.62
C ALA A 165 1.35 -1.26 -4.41
N SER A 166 1.17 -0.84 -5.66
CA SER A 166 0.09 -1.34 -6.52
C SER A 166 0.34 -2.78 -6.93
N LEU A 167 1.60 -3.11 -7.20
CA LEU A 167 1.94 -4.48 -7.54
C LEU A 167 1.58 -5.44 -6.42
N LEU A 168 1.80 -5.02 -5.18
CA LEU A 168 1.43 -5.84 -4.02
C LEU A 168 -0.08 -6.10 -4.06
N GLN A 169 -0.84 -5.05 -4.36
CA GLN A 169 -2.29 -5.14 -4.40
C GLN A 169 -2.73 -6.12 -5.49
N LEU A 170 -2.07 -6.01 -6.63
CA LEU A 170 -2.33 -6.88 -7.79
C LEU A 170 -2.06 -8.37 -7.50
N ALA A 171 -1.00 -8.65 -6.76
CA ALA A 171 -0.65 -10.02 -6.39
C ALA A 171 -1.72 -10.57 -5.45
N ARG A 172 -2.22 -9.74 -4.56
CA ARG A 172 -3.29 -10.14 -3.63
C ARG A 172 -4.60 -10.43 -4.35
N LEU A 173 -4.94 -9.60 -5.33
CA LEU A 173 -6.10 -9.83 -6.18
C LEU A 173 -6.00 -11.15 -6.94
N MET A 174 -4.82 -11.45 -7.50
CA MET A 174 -4.66 -12.69 -8.25
C MET A 174 -4.82 -13.92 -7.33
N ALA A 175 -4.39 -13.79 -6.08
CA ALA A 175 -4.45 -14.89 -5.12
C ALA A 175 -5.88 -15.21 -4.75
N GLN A 176 -6.64 -14.19 -4.36
CA GLN A 176 -8.03 -14.37 -3.98
C GLN A 176 -8.84 -14.85 -5.18
N THR A 177 -8.38 -14.52 -6.40
CA THR A 177 -9.11 -14.90 -7.63
C THR A 177 -8.83 -16.35 -8.04
N LYS A 178 -7.55 -16.69 -8.12
CA LYS A 178 -7.15 -18.05 -8.47
C LYS A 178 -7.70 -19.07 -7.47
N ALA A 179 -7.65 -18.72 -6.19
CA ALA A 179 -8.15 -19.60 -5.13
C ALA A 179 -9.61 -19.97 -5.34
N LYS A 180 -10.39 -19.03 -5.87
CA LYS A 180 -11.82 -19.22 -5.96
C LYS A 180 -12.36 -19.52 -7.36
N LEU A 181 -11.52 -20.04 -8.26
CA LEU A 181 -11.95 -20.35 -9.62
C LEU A 181 -13.16 -21.30 -9.67
N ASP A 182 -13.15 -22.29 -8.79
CA ASP A 182 -14.21 -23.28 -8.66
C ASP A 182 -15.61 -22.67 -8.46
N ARG A 183 -15.67 -21.42 -8.00
CA ARG A 183 -16.94 -20.71 -7.84
C ARG A 183 -17.59 -20.34 -9.19
N ILE A 184 -16.78 -20.35 -10.25
CA ILE A 184 -17.26 -19.94 -11.57
C ILE A 184 -17.95 -21.08 -12.31
N VAL A 185 -19.22 -20.93 -12.65
CA VAL A 185 -19.93 -21.97 -13.39
C VAL A 185 -20.53 -21.54 -14.75
N CYS A 186 -20.35 -20.27 -15.13
CA CYS A 186 -20.96 -19.78 -16.37
C CYS A 186 -20.07 -20.15 -17.56
N PRO A 187 -20.65 -20.14 -18.78
CA PRO A 187 -19.84 -20.39 -19.98
C PRO A 187 -18.58 -19.51 -20.06
N ALA A 188 -17.48 -20.09 -20.49
CA ALA A 188 -16.23 -19.33 -20.55
C ALA A 188 -15.57 -19.43 -21.94
N LEU A 189 -15.15 -18.28 -22.47
CA LEU A 189 -14.41 -18.21 -23.72
C LEU A 189 -13.07 -17.54 -23.38
N ILE A 190 -11.99 -18.28 -23.52
CA ILE A 190 -10.71 -17.86 -22.98
C ILE A 190 -9.73 -17.58 -24.11
N PHE A 191 -9.43 -16.28 -24.32
CA PHE A 191 -8.41 -15.86 -25.28
C PHE A 191 -7.01 -15.85 -24.69
N VAL A 192 -6.03 -16.27 -25.50
CA VAL A 192 -4.64 -16.24 -25.05
C VAL A 192 -3.72 -15.94 -26.24
N SER A 193 -2.86 -14.96 -26.06
CA SER A 193 -1.90 -14.62 -27.09
C SER A 193 -0.70 -15.55 -26.94
N ASP A 194 -0.39 -16.28 -28.01
CA ASP A 194 0.77 -17.18 -28.04
C ASP A 194 2.00 -16.42 -27.58
N GLU A 195 2.17 -15.23 -28.12
CA GLU A 195 3.35 -14.43 -27.84
C GLU A 195 3.10 -13.31 -26.82
N ASP A 196 2.30 -13.59 -25.79
CA ASP A 196 2.21 -12.70 -24.64
C ASP A 196 3.56 -12.75 -23.91
N HIS A 197 4.19 -11.58 -23.73
CA HIS A 197 5.47 -11.47 -23.02
C HIS A 197 5.28 -10.86 -21.64
N VAL A 198 4.04 -10.75 -21.17
CA VAL A 198 3.72 -10.18 -19.87
C VAL A 198 3.07 -11.21 -18.95
N VAL A 199 1.99 -11.81 -19.43
CA VAL A 199 1.27 -12.85 -18.70
C VAL A 199 1.52 -14.17 -19.42
N PRO A 200 2.05 -15.18 -18.70
CA PRO A 200 2.42 -16.45 -19.32
C PRO A 200 1.17 -17.15 -19.86
N PRO A 201 1.23 -17.66 -21.11
CA PRO A 201 0.03 -18.26 -21.72
C PRO A 201 -0.55 -19.41 -20.92
N GLY A 202 0.28 -20.02 -20.06
CA GLY A 202 -0.17 -21.12 -19.22
C GLY A 202 -1.29 -20.72 -18.27
N ASN A 203 -1.48 -19.42 -18.06
CA ASN A 203 -2.57 -18.94 -17.20
C ASN A 203 -3.92 -19.38 -17.77
N ALA A 204 -4.00 -19.47 -19.09
CA ALA A 204 -5.19 -19.94 -19.77
C ALA A 204 -5.58 -21.34 -19.27
N ASP A 205 -4.59 -22.21 -19.18
CA ASP A 205 -4.80 -23.59 -18.74
C ASP A 205 -5.25 -23.67 -17.28
N ILE A 206 -4.65 -22.84 -16.42
CA ILE A 206 -5.02 -22.78 -15.01
C ILE A 206 -6.45 -22.30 -14.83
N ILE A 207 -6.83 -21.29 -15.62
CA ILE A 207 -8.21 -20.81 -15.61
C ILE A 207 -9.12 -21.93 -16.09
N PHE A 208 -8.76 -22.53 -17.22
CA PHE A 208 -9.55 -23.59 -17.84
C PHE A 208 -9.77 -24.79 -16.89
N GLN A 209 -8.72 -25.17 -16.15
CA GLN A 209 -8.85 -26.31 -15.24
C GLN A 209 -9.56 -25.93 -13.96
N GLY A 210 -9.33 -24.70 -13.48
CA GLY A 210 -9.82 -24.29 -12.18
C GLY A 210 -11.30 -23.95 -12.08
N ILE A 211 -11.91 -23.55 -13.20
CA ILE A 211 -13.34 -23.22 -13.18
C ILE A 211 -14.19 -24.47 -13.27
N SER A 212 -15.40 -24.41 -12.72
CA SER A 212 -16.30 -25.54 -12.73
C SER A 212 -17.30 -25.45 -13.89
N SER A 213 -17.14 -24.40 -14.70
CA SER A 213 -17.85 -24.22 -15.97
C SER A 213 -17.88 -25.48 -16.85
N THR A 214 -19.06 -25.86 -17.30
CA THR A 214 -19.21 -27.05 -18.14
C THR A 214 -19.01 -26.71 -19.63
N GLU A 215 -19.30 -25.47 -19.98
CA GLU A 215 -19.05 -24.95 -21.32
C GLU A 215 -17.87 -24.00 -21.20
N LYS A 216 -16.72 -24.40 -21.75
CA LYS A 216 -15.48 -23.62 -21.67
C LYS A 216 -14.58 -23.94 -22.86
N GLU A 217 -13.88 -22.94 -23.38
CA GLU A 217 -12.99 -23.15 -24.52
C GLU A 217 -11.77 -22.21 -24.50
N ILE A 218 -10.64 -22.66 -25.02
CA ILE A 218 -9.48 -21.80 -25.17
C ILE A 218 -9.25 -21.43 -26.63
N VAL A 219 -9.16 -20.12 -26.89
CA VAL A 219 -8.90 -19.65 -28.24
C VAL A 219 -7.53 -18.96 -28.32
N ARG A 220 -6.68 -19.50 -29.18
CA ARG A 220 -5.32 -18.99 -29.36
C ARG A 220 -5.27 -17.83 -30.36
N LEU A 221 -4.57 -16.76 -29.98
CA LEU A 221 -4.40 -15.58 -30.80
C LEU A 221 -2.99 -15.59 -31.34
N ARG A 222 -2.84 -15.75 -32.66
CA ARG A 222 -1.54 -16.04 -33.26
C ARG A 222 -0.74 -14.83 -33.73
N ASN A 223 -1.41 -13.70 -33.92
CA ASN A 223 -0.73 -12.50 -34.43
C ASN A 223 -0.75 -11.32 -33.45
N SER A 224 -0.74 -11.62 -32.15
CA SER A 224 -0.86 -10.56 -31.16
C SER A 224 0.06 -10.79 -29.98
N TYR A 225 0.54 -9.71 -29.40
CA TYR A 225 1.22 -9.81 -28.12
C TYR A 225 0.21 -9.45 -27.02
N HIS A 226 0.72 -9.26 -25.81
CA HIS A 226 -0.14 -9.07 -24.65
C HIS A 226 -1.39 -8.22 -24.80
N VAL A 227 -1.24 -7.02 -25.33
CA VAL A 227 -2.35 -6.06 -25.43
C VAL A 227 -3.20 -6.40 -26.64
N ALA A 228 -3.80 -7.60 -26.62
CA ALA A 228 -4.43 -8.20 -27.81
C ALA A 228 -5.65 -7.42 -28.33
N THR A 229 -6.32 -6.68 -27.44
CA THR A 229 -7.54 -5.95 -27.78
C THR A 229 -7.25 -4.79 -28.72
N LEU A 230 -6.00 -4.36 -28.76
CA LEU A 230 -5.59 -3.29 -29.64
C LEU A 230 -4.71 -3.81 -30.78
N ASP A 231 -4.37 -5.10 -30.72
CA ASP A 231 -3.38 -5.68 -31.64
C ASP A 231 -4.04 -6.23 -32.92
N TYR A 232 -3.25 -6.94 -33.73
CA TYR A 232 -3.75 -7.43 -35.02
C TYR A 232 -4.94 -8.41 -34.91
N ASP A 233 -5.03 -9.13 -33.79
CA ASP A 233 -6.14 -10.07 -33.64
C ASP A 233 -7.41 -9.41 -33.10
N GLN A 234 -7.44 -8.07 -33.02
CA GLN A 234 -8.65 -7.33 -32.58
C GLN A 234 -9.96 -7.76 -33.27
N PRO A 235 -10.00 -7.80 -34.61
CA PRO A 235 -11.27 -8.19 -35.24
C PRO A 235 -11.70 -9.63 -34.91
N MET A 236 -10.73 -10.52 -34.79
CA MET A 236 -11.02 -11.90 -34.38
C MET A 236 -11.62 -11.96 -32.95
N ILE A 237 -11.03 -11.21 -32.03
CA ILE A 237 -11.61 -11.12 -30.68
C ILE A 237 -13.04 -10.62 -30.68
N ILE A 238 -13.30 -9.58 -31.48
CA ILE A 238 -14.63 -9.01 -31.54
C ILE A 238 -15.65 -10.00 -32.16
N GLU A 239 -15.29 -10.62 -33.27
CA GLU A 239 -16.18 -11.51 -34.00
C GLU A 239 -16.47 -12.82 -33.23
N ARG A 240 -15.45 -13.37 -32.58
CA ARG A 240 -15.65 -14.57 -31.76
C ARG A 240 -16.45 -14.28 -30.49
N SER A 241 -16.28 -13.10 -29.92
CA SER A 241 -17.03 -12.74 -28.72
C SER A 241 -18.53 -12.54 -29.05
N LEU A 242 -18.80 -11.86 -30.15
CA LEU A 242 -20.17 -11.63 -30.61
C LEU A 242 -20.90 -12.94 -30.84
N GLU A 243 -20.20 -13.90 -31.45
CA GLU A 243 -20.71 -15.25 -31.65
C GLU A 243 -20.96 -15.91 -30.29
N PHE A 244 -20.01 -15.76 -29.36
CA PHE A 244 -20.17 -16.26 -27.99
C PHE A 244 -21.41 -15.65 -27.31
N PHE A 245 -21.53 -14.32 -27.39
CA PHE A 245 -22.68 -13.64 -26.77
C PHE A 245 -24.04 -14.13 -27.33
N ALA A 246 -24.19 -14.10 -28.65
CA ALA A 246 -25.40 -14.60 -29.32
C ALA A 246 -25.78 -16.02 -28.88
N LYS A 247 -24.82 -16.93 -28.89
CA LYS A 247 -25.11 -18.32 -28.54
C LYS A 247 -25.45 -18.58 -27.08
N HIS A 248 -25.18 -17.62 -26.19
CA HIS A 248 -25.49 -17.84 -24.77
C HIS A 248 -26.34 -16.73 -24.15
N ALA A 249 -27.14 -16.02 -24.94
CA ALA A 249 -27.82 -14.82 -24.45
C ALA A 249 -28.92 -15.10 -23.39
N GLY A 250 -29.14 -16.36 -23.05
CA GLY A 250 -30.10 -16.72 -22.01
C GLY A 250 -30.93 -17.91 -22.47
N MET B 1 -13.01 5.12 9.51
CA MET B 1 -12.77 3.69 9.31
C MET B 1 -11.49 3.26 10.04
N SER B 2 -11.60 2.23 10.87
CA SER B 2 -10.47 1.79 11.69
C SER B 2 -10.32 0.26 11.68
N GLU B 3 -9.70 -0.24 12.75
CA GLU B 3 -9.31 -1.64 12.90
C GLU B 3 -10.43 -2.52 13.47
N GLN B 4 -10.18 -3.83 13.59
CA GLN B 4 -11.14 -4.77 14.18
C GLN B 4 -10.56 -5.87 15.06
N TYR B 5 -9.26 -6.11 14.91
CA TYR B 5 -8.51 -7.01 15.79
C TYR B 5 -8.32 -6.35 17.15
N PRO B 6 -8.17 -7.16 18.20
CA PRO B 6 -8.05 -6.63 19.56
C PRO B 6 -6.63 -6.13 19.90
N VAL B 7 -6.55 -5.10 20.76
CA VAL B 7 -5.28 -4.64 21.30
C VAL B 7 -4.66 -5.72 22.18
N LEU B 8 -3.39 -6.05 21.93
CA LEU B 8 -2.65 -6.98 22.79
C LEU B 8 -2.49 -6.37 24.17
N SER B 9 -2.62 -7.19 25.21
CA SER B 9 -2.30 -6.74 26.56
C SER B 9 -0.81 -6.34 26.57
N GLY B 10 -0.50 -5.19 27.15
CA GLY B 10 0.86 -4.68 27.13
C GLY B 10 1.02 -3.56 26.12
N ALA B 11 0.14 -3.53 25.11
CA ALA B 11 0.23 -2.56 24.04
C ALA B 11 -0.81 -1.43 24.14
N GLU B 12 -1.45 -1.31 25.30
CA GLU B 12 -2.42 -0.23 25.53
C GLU B 12 -1.74 1.13 25.65
N PRO B 13 -2.38 2.20 25.16
CA PRO B 13 -1.81 3.53 25.32
C PRO B 13 -1.81 3.96 26.79
N PHE B 14 -1.02 4.97 27.14
CA PHE B 14 -0.85 5.40 28.52
C PHE B 14 -0.96 6.91 28.59
N TYR B 15 -1.81 7.38 29.50
CA TYR B 15 -2.05 8.81 29.68
C TYR B 15 -1.86 9.13 31.15
N ALA B 16 -1.21 10.24 31.48
CA ALA B 16 -1.17 10.64 32.89
C ALA B 16 -1.11 12.14 33.00
N GLU B 17 -2.00 12.71 33.81
CA GLU B 17 -2.02 14.16 34.00
C GLU B 17 -1.41 14.73 35.27
N ASN B 18 -0.21 15.27 35.13
CA ASN B 18 0.45 15.93 36.25
C ASN B 18 0.65 17.41 36.36
N GLY B 19 1.63 17.94 35.63
CA GLY B 19 2.24 19.24 35.85
C GLY B 19 1.85 19.80 34.50
N PRO B 20 2.15 21.08 34.28
CA PRO B 20 1.71 21.77 33.06
C PRO B 20 2.65 21.58 31.86
N VAL B 21 3.74 20.84 32.07
CA VAL B 21 4.65 20.43 30.97
C VAL B 21 4.35 19.00 30.51
N GLY B 22 4.10 18.83 29.22
CA GLY B 22 3.71 17.54 28.67
C GLY B 22 4.82 16.91 27.84
N VAL B 23 4.88 15.59 27.84
CA VAL B 23 5.81 14.85 27.02
C VAL B 23 4.99 13.90 26.18
N LEU B 24 5.22 13.93 24.85
CA LEU B 24 4.58 12.97 23.95
C LEU B 24 5.59 11.89 23.60
N LEU B 25 5.23 10.61 23.80
CA LEU B 25 6.16 9.52 23.52
C LEU B 25 5.64 8.67 22.39
N VAL B 26 6.47 8.48 21.37
CA VAL B 26 6.07 7.78 20.15
C VAL B 26 6.88 6.51 19.96
N HIS B 27 6.21 5.36 20.01
CA HIS B 27 6.88 4.08 19.78
C HIS B 27 7.19 3.84 18.29
N GLY B 28 7.75 2.68 17.97
CA GLY B 28 8.28 2.41 16.65
C GLY B 28 7.42 1.65 15.64
N PHE B 29 8.04 1.38 14.49
CA PHE B 29 7.41 0.78 13.32
C PHE B 29 6.84 -0.62 13.56
N THR B 30 7.65 -1.55 14.06
CA THR B 30 7.07 -2.86 14.36
C THR B 30 6.46 -2.95 15.77
N GLY B 31 6.64 -1.89 16.57
CA GLY B 31 6.42 -1.99 18.01
C GLY B 31 5.08 -1.54 18.55
N THR B 32 5.05 -1.32 19.87
CA THR B 32 3.83 -0.97 20.59
C THR B 32 4.24 0.03 21.67
N PRO B 33 3.27 0.60 22.42
CA PRO B 33 3.67 1.46 23.54
C PRO B 33 4.64 0.80 24.54
N HIS B 34 4.75 -0.52 24.54
CA HIS B 34 5.62 -1.21 25.48
C HIS B 34 7.05 -0.68 25.47
N SER B 35 7.55 -0.39 24.28
CA SER B 35 8.93 0.06 24.08
C SER B 35 9.20 1.39 24.73
N MET B 36 8.17 2.22 24.85
CA MET B 36 8.32 3.55 25.45
C MET B 36 7.82 3.65 26.87
N ARG B 37 7.08 2.64 27.35
CA ARG B 37 6.42 2.73 28.64
C ARG B 37 7.32 3.05 29.86
N PRO B 38 8.55 2.49 29.91
CA PRO B 38 9.40 2.82 31.07
C PRO B 38 9.79 4.29 31.12
N LEU B 39 10.02 4.90 29.95
CA LEU B 39 10.25 6.33 29.86
C LEU B 39 9.00 7.11 30.27
N ALA B 40 7.83 6.70 29.78
CA ALA B 40 6.57 7.40 30.12
C ALA B 40 6.32 7.39 31.62
N GLU B 41 6.47 6.23 32.25
CA GLU B 41 6.21 6.13 33.68
C GLU B 41 7.23 6.95 34.48
N ALA B 42 8.49 6.93 34.06
CA ALA B 42 9.50 7.75 34.76
C ALA B 42 9.22 9.26 34.65
N TYR B 43 8.75 9.70 33.50
CA TYR B 43 8.45 11.12 33.32
C TYR B 43 7.19 11.52 34.12
N ALA B 44 6.20 10.63 34.17
CA ALA B 44 5.04 10.91 35.04
C ALA B 44 5.44 11.06 36.50
N LYS B 45 6.32 10.19 37.00
CA LYS B 45 6.75 10.28 38.40
C LYS B 45 7.50 11.58 38.68
N ALA B 46 8.15 12.12 37.66
CA ALA B 46 8.91 13.35 37.79
C ALA B 46 8.00 14.57 37.67
N GLY B 47 6.70 14.34 37.57
CA GLY B 47 5.75 15.43 37.48
C GLY B 47 5.44 15.94 36.07
N TYR B 48 5.73 15.14 35.05
CA TYR B 48 5.35 15.54 33.70
C TYR B 48 4.00 14.93 33.35
N THR B 49 3.17 15.67 32.65
CA THR B 49 1.96 15.11 32.07
C THR B 49 2.46 14.31 30.88
N VAL B 50 1.90 13.12 30.66
CA VAL B 50 2.46 12.20 29.67
C VAL B 50 1.39 11.64 28.73
N CYS B 51 1.70 11.54 27.43
CA CYS B 51 0.80 10.86 26.48
C CYS B 51 1.59 9.85 25.65
N LEU B 52 1.22 8.57 25.76
CA LEU B 52 1.88 7.51 24.99
C LEU B 52 0.85 6.72 24.16
N PRO B 53 0.56 7.20 22.94
CA PRO B 53 -0.53 6.63 22.13
C PRO B 53 -0.12 5.35 21.45
N ARG B 54 -1.12 4.57 21.04
CA ARG B 54 -0.87 3.39 20.22
C ARG B 54 -1.08 3.77 18.76
N LEU B 55 -0.05 3.64 17.94
CA LEU B 55 -0.15 3.99 16.53
C LEU B 55 -1.18 3.07 15.87
N LYS B 56 -1.98 3.61 14.96
CA LYS B 56 -3.02 2.79 14.32
C LYS B 56 -2.38 1.61 13.61
N GLY B 57 -2.97 0.43 13.80
CA GLY B 57 -2.47 -0.79 13.17
C GLY B 57 -1.35 -1.48 13.92
N HIS B 58 -0.98 -0.92 15.08
CA HIS B 58 0.14 -1.44 15.88
C HIS B 58 -0.40 -2.05 17.17
N GLY B 59 0.25 -3.10 17.66
CA GLY B 59 -0.16 -3.74 18.90
C GLY B 59 -1.52 -4.43 18.80
N THR B 60 -1.80 -4.96 17.61
CA THR B 60 -3.03 -5.71 17.40
C THR B 60 -2.68 -6.99 16.64
N HIS B 61 -2.38 -6.83 15.36
CA HIS B 61 -2.10 -7.95 14.46
C HIS B 61 -1.56 -7.40 13.14
N TYR B 62 -0.61 -8.10 12.51
CA TYR B 62 0.03 -7.60 11.28
C TYR B 62 -0.92 -7.22 10.13
N GLU B 63 -2.09 -7.84 10.08
CA GLU B 63 -3.05 -7.56 9.02
C GLU B 63 -3.64 -6.16 9.16
N ASP B 64 -3.84 -5.73 10.41
CA ASP B 64 -4.29 -4.36 10.69
C ASP B 64 -3.26 -3.37 10.16
N MET B 65 -1.98 -3.69 10.35
CA MET B 65 -0.91 -2.76 10.00
C MET B 65 -0.79 -2.61 8.50
N GLU B 66 -0.90 -3.73 7.78
CA GLU B 66 -0.84 -3.77 6.31
C GLU B 66 -1.79 -2.78 5.62
N ARG B 67 -2.96 -2.57 6.23
CA ARG B 67 -3.99 -1.69 5.68
C ARG B 67 -3.83 -0.22 6.06
N THR B 68 -2.96 0.08 7.02
CA THR B 68 -2.75 1.46 7.46
C THR B 68 -1.76 2.16 6.55
N THR B 69 -1.82 3.49 6.50
CA THR B 69 -0.85 4.29 5.74
C THR B 69 0.04 5.05 6.73
N PHE B 70 1.09 5.70 6.22
CA PHE B 70 1.92 6.51 7.11
C PHE B 70 1.18 7.73 7.65
N HIS B 71 0.16 8.18 6.90
CA HIS B 71 -0.74 9.22 7.36
C HIS B 71 -1.59 8.79 8.57
N ASP B 72 -1.98 7.52 8.63
CA ASP B 72 -2.67 6.97 9.80
C ASP B 72 -1.80 7.06 11.07
N TRP B 73 -0.52 6.74 10.93
CA TRP B 73 0.37 6.78 12.07
C TRP B 73 0.59 8.24 12.48
N VAL B 74 0.78 9.10 11.49
CA VAL B 74 0.79 10.56 11.73
C VAL B 74 -0.45 11.02 12.51
N ALA B 75 -1.63 10.58 12.08
CA ALA B 75 -2.88 10.98 12.72
C ALA B 75 -2.93 10.58 14.20
N SER B 76 -2.42 9.38 14.48
CA SER B 76 -2.32 8.85 15.85
C SER B 76 -1.47 9.74 16.75
N VAL B 77 -0.35 10.21 16.19
CA VAL B 77 0.58 11.08 16.94
C VAL B 77 -0.03 12.46 17.06
N GLU B 78 -0.70 12.92 15.99
CA GLU B 78 -1.34 14.22 16.01
C GLU B 78 -2.41 14.27 17.09
N GLU B 79 -3.18 13.19 17.19
CA GLU B 79 -4.21 13.06 18.23
C GLU B 79 -3.62 13.15 19.64
N GLY B 80 -2.52 12.45 19.86
CA GLY B 80 -1.88 12.47 21.16
C GLY B 80 -1.36 13.87 21.42
N TYR B 81 -0.83 14.49 20.36
CA TYR B 81 -0.35 15.87 20.45
C TYR B 81 -1.47 16.81 20.90
N GLY B 82 -2.66 16.64 20.34
CA GLY B 82 -3.74 17.54 20.70
C GLY B 82 -4.23 17.34 22.12
N TRP B 83 -4.18 16.10 22.58
CA TRP B 83 -4.57 15.76 23.96
C TRP B 83 -3.68 16.51 24.95
N LEU B 84 -2.37 16.53 24.67
CA LEU B 84 -1.43 17.29 25.47
C LEU B 84 -1.67 18.80 25.34
N LYS B 85 -1.94 19.27 24.14
CA LYS B 85 -2.11 20.70 23.92
C LYS B 85 -3.25 21.29 24.76
N GLN B 86 -4.27 20.47 25.03
CA GLN B 86 -5.40 20.90 25.84
C GLN B 86 -4.99 21.06 27.29
N ARG B 87 -3.98 20.32 27.72
CA ARG B 87 -3.68 20.17 29.14
C ARG B 87 -2.36 20.79 29.57
N CYS B 88 -1.56 21.22 28.60
CA CYS B 88 -0.21 21.67 28.89
C CYS B 88 0.10 22.98 28.21
N GLN B 89 1.09 23.69 28.72
CA GLN B 89 1.58 24.91 28.09
C GLN B 89 2.90 24.65 27.35
N THR B 90 3.66 23.66 27.81
CA THR B 90 4.90 23.27 27.14
C THR B 90 4.78 21.81 26.73
N ILE B 91 5.33 21.48 25.57
CA ILE B 91 5.28 20.10 25.08
C ILE B 91 6.62 19.66 24.49
N PHE B 92 7.09 18.50 24.93
CA PHE B 92 8.25 17.87 24.34
C PHE B 92 7.81 16.59 23.65
N VAL B 93 8.59 16.15 22.66
CA VAL B 93 8.27 14.94 21.92
C VAL B 93 9.51 14.08 21.86
N THR B 94 9.33 12.78 22.08
CA THR B 94 10.44 11.86 22.03
C THR B 94 9.90 10.59 21.40
N GLY B 95 10.75 9.82 20.73
CA GLY B 95 10.29 8.57 20.16
C GLY B 95 11.43 7.70 19.71
N LEU B 96 11.17 6.40 19.60
CA LEU B 96 12.22 5.45 19.22
C LEU B 96 12.10 5.04 17.76
N SER B 97 13.21 5.13 17.01
CA SER B 97 13.22 4.62 15.64
C SER B 97 12.12 5.36 14.87
N MET B 98 11.28 4.66 14.11
CA MET B 98 10.16 5.34 13.44
C MET B 98 9.40 6.35 14.31
N GLY B 99 9.33 6.10 15.61
CA GLY B 99 8.77 7.07 16.55
C GLY B 99 9.63 8.32 16.57
N GLY B 100 10.93 8.13 16.35
CA GLY B 100 11.85 9.25 16.17
C GLY B 100 11.61 10.00 14.87
N THR B 101 11.27 9.26 13.81
CA THR B 101 10.95 9.85 12.52
C THR B 101 9.72 10.72 12.66
N LEU B 102 8.74 10.22 13.41
CA LEU B 102 7.48 10.92 13.64
C LEU B 102 7.69 12.10 14.57
N THR B 103 8.71 12.00 15.43
CA THR B 103 9.05 13.10 16.31
C THR B 103 9.58 14.25 15.47
N LEU B 104 10.44 13.93 14.51
CA LEU B 104 10.98 14.94 13.60
C LEU B 104 9.88 15.53 12.73
N TYR B 105 9.11 14.63 12.13
CA TYR B 105 8.00 15.03 11.27
C TYR B 105 7.06 16.00 11.98
N LEU B 106 6.65 15.64 13.20
CA LEU B 106 5.73 16.47 13.96
C LEU B 106 6.31 17.87 14.16
N ALA B 107 7.57 17.93 14.55
CA ALA B 107 8.21 19.22 14.83
C ALA B 107 8.32 20.06 13.57
N GLU B 108 8.30 19.38 12.42
CA GLU B 108 8.34 20.07 11.12
C GLU B 108 7.03 20.78 10.78
N HIS B 109 5.94 20.39 11.45
CA HIS B 109 4.62 20.97 11.21
C HIS B 109 4.11 21.79 12.39
N HIS B 110 4.80 21.71 13.52
CA HIS B 110 4.38 22.42 14.73
C HIS B 110 5.53 23.16 15.38
N PRO B 111 5.73 24.43 15.02
CA PRO B 111 6.83 25.18 15.63
C PRO B 111 6.58 25.39 17.14
N ASP B 112 5.36 25.11 17.59
CA ASP B 112 4.98 25.25 19.00
C ASP B 112 5.65 24.22 19.91
N ILE B 113 6.20 23.16 19.32
CA ILE B 113 6.92 22.15 20.09
C ILE B 113 8.20 22.74 20.70
N CYS B 114 8.40 22.56 21.99
CA CYS B 114 9.50 23.21 22.69
C CYS B 114 10.77 22.39 22.72
N GLY B 115 10.74 21.18 22.20
CA GLY B 115 11.94 20.36 22.23
C GLY B 115 11.65 18.95 21.78
N ILE B 116 12.64 18.31 21.16
CA ILE B 116 12.47 16.96 20.61
C ILE B 116 13.64 16.07 21.02
N VAL B 117 13.34 14.79 21.29
CA VAL B 117 14.33 13.82 21.72
C VAL B 117 14.19 12.52 20.91
N PRO B 118 14.68 12.53 19.66
CA PRO B 118 14.61 11.32 18.83
C PRO B 118 15.67 10.31 19.28
N ILE B 119 15.29 9.03 19.36
CA ILE B 119 16.19 7.98 19.80
C ILE B 119 16.38 6.95 18.66
N ASN B 120 17.61 6.86 18.16
CA ASN B 120 17.89 6.04 16.98
C ASN B 120 16.87 6.29 15.86
N ALA B 121 16.52 7.55 15.63
CA ALA B 121 15.54 7.86 14.60
C ALA B 121 16.06 7.48 13.22
N ALA B 122 15.12 7.21 12.32
CA ALA B 122 15.44 6.74 10.99
C ALA B 122 15.02 7.76 9.91
N VAL B 123 16.00 8.26 9.16
CA VAL B 123 15.69 9.22 8.08
C VAL B 123 16.25 8.79 6.72
N ASP B 124 17.21 7.85 6.75
CA ASP B 124 17.86 7.35 5.54
C ASP B 124 18.32 5.91 5.73
N ILE B 125 17.51 4.96 5.27
CA ILE B 125 17.85 3.54 5.39
C ILE B 125 18.07 2.89 4.02
N PRO B 126 19.33 2.46 3.76
CA PRO B 126 19.78 1.79 2.54
C PRO B 126 19.07 0.51 2.07
N ALA B 127 18.92 -0.43 2.99
CA ALA B 127 18.17 -1.65 2.72
C ALA B 127 16.92 -1.49 3.58
N ILE B 128 15.89 -0.84 3.03
CA ILE B 128 14.65 -0.59 3.74
C ILE B 128 13.96 -1.92 4.10
N ALA B 129 14.16 -2.91 3.24
CA ALA B 129 13.93 -4.30 3.62
C ALA B 129 15.21 -5.09 3.40
N ALA B 130 15.71 -5.73 4.45
CA ALA B 130 16.92 -6.53 4.35
C ALA B 130 16.64 -7.86 3.66
N GLY B 131 16.03 -7.76 2.47
CA GLY B 131 15.67 -8.92 1.65
C GLY B 131 15.18 -10.14 2.40
N MET B 132 14.35 -9.93 3.41
CA MET B 132 13.80 -11.03 4.20
C MET B 132 12.68 -11.71 3.44
N GLU B 137 10.78 -11.00 -7.54
CA GLU B 137 9.83 -11.34 -6.48
C GLU B 137 9.45 -10.13 -5.65
N LEU B 138 8.27 -10.18 -5.03
CA LEU B 138 7.82 -9.12 -4.15
C LEU B 138 6.80 -9.69 -3.17
N PRO B 139 7.28 -10.32 -2.08
CA PRO B 139 6.43 -11.05 -1.13
C PRO B 139 5.47 -10.12 -0.37
N ARG B 140 4.40 -10.69 0.16
CA ARG B 140 3.39 -9.93 0.88
C ARG B 140 3.87 -9.63 2.29
N TYR B 141 4.65 -10.56 2.84
CA TYR B 141 5.12 -10.44 4.21
C TYR B 141 6.62 -10.74 4.29
N LEU B 142 7.30 -10.08 5.22
CA LEU B 142 8.67 -10.41 5.55
C LEU B 142 8.72 -10.98 6.96
N ASP B 143 9.54 -12.02 7.16
CA ASP B 143 9.78 -12.55 8.49
C ASP B 143 10.56 -11.51 9.29
N SER B 144 10.09 -11.21 10.49
CA SER B 144 10.71 -10.16 11.29
C SER B 144 11.87 -10.68 12.12
N ILE B 145 13.02 -10.01 11.96
CA ILE B 145 14.16 -10.19 12.85
C ILE B 145 13.69 -9.83 14.27
N GLY B 146 13.95 -10.73 15.23
CA GLY B 146 13.61 -10.50 16.62
C GLY B 146 14.27 -9.22 17.12
N SER B 147 13.71 -8.62 18.17
CA SER B 147 14.16 -7.31 18.62
C SER B 147 15.69 -7.21 18.77
N ASP B 148 16.26 -6.12 18.24
CA ASP B 148 17.68 -5.84 18.37
C ASP B 148 17.99 -5.18 19.74
N LEU B 149 18.43 -6.02 20.68
CA LEU B 149 18.53 -5.67 22.09
C LEU B 149 19.73 -6.33 22.73
N LYS B 150 20.60 -5.56 23.38
CA LYS B 150 21.77 -6.15 24.00
C LYS B 150 21.37 -7.00 25.20
N ASN B 151 20.53 -6.45 26.06
CA ASN B 151 20.04 -7.16 27.24
C ASN B 151 19.06 -8.27 26.86
N PRO B 152 19.41 -9.54 27.14
CA PRO B 152 18.54 -10.66 26.78
C PRO B 152 17.37 -10.86 27.74
N ASP B 153 17.33 -10.11 28.83
CA ASP B 153 16.27 -10.26 29.82
C ASP B 153 15.04 -9.39 29.56
N VAL B 154 15.05 -8.64 28.46
CA VAL B 154 13.90 -7.80 28.11
C VAL B 154 13.26 -8.25 26.80
N LYS B 155 12.12 -7.66 26.45
CA LYS B 155 11.47 -8.00 25.19
C LYS B 155 10.46 -6.97 24.68
N GLU B 156 10.26 -6.98 23.38
CA GLU B 156 9.20 -6.19 22.75
C GLU B 156 7.92 -7.02 22.55
N LEU B 157 6.85 -6.35 22.15
CA LEU B 157 5.63 -7.04 21.73
C LEU B 157 5.41 -6.78 20.23
N ALA B 158 6.50 -6.68 19.48
CA ALA B 158 6.44 -6.41 18.03
C ALA B 158 5.92 -7.59 17.21
N TYR B 159 5.32 -7.32 16.06
CA TYR B 159 4.80 -8.38 15.17
C TYR B 159 5.91 -9.29 14.63
N GLU B 160 5.52 -10.49 14.20
CA GLU B 160 6.47 -11.51 13.72
C GLU B 160 6.60 -11.46 12.21
N LYS B 161 5.56 -10.97 11.54
CA LYS B 161 5.58 -10.71 10.11
C LYS B 161 5.58 -9.20 9.88
N THR B 162 6.30 -8.72 8.87
CA THR B 162 6.22 -7.31 8.47
C THR B 162 5.66 -7.14 7.05
N PRO B 163 4.52 -6.45 6.93
CA PRO B 163 3.85 -6.24 5.64
C PRO B 163 4.70 -5.38 4.72
N THR B 164 5.02 -5.91 3.54
CA THR B 164 5.85 -5.21 2.56
C THR B 164 5.23 -3.84 2.19
N ALA B 165 3.91 -3.80 2.11
CA ALA B 165 3.20 -2.54 1.89
C ALA B 165 3.53 -1.53 2.97
N SER B 166 3.68 -2.01 4.20
CA SER B 166 3.99 -1.13 5.33
C SER B 166 5.39 -0.54 5.24
N LEU B 167 6.35 -1.38 4.83
CA LEU B 167 7.72 -0.93 4.61
C LEU B 167 7.81 0.18 3.58
N LEU B 168 6.90 0.12 2.60
CA LEU B 168 6.84 1.14 1.55
C LEU B 168 6.32 2.47 2.09
N GLN B 169 5.34 2.39 2.99
CA GLN B 169 4.78 3.57 3.66
C GLN B 169 5.82 4.22 4.56
N LEU B 170 6.57 3.37 5.25
CA LEU B 170 7.63 3.82 6.13
C LEU B 170 8.67 4.64 5.36
N ALA B 171 9.04 4.13 4.18
CA ALA B 171 10.06 4.77 3.35
C ALA B 171 9.59 6.14 2.85
N ARG B 172 8.31 6.24 2.53
CA ARG B 172 7.72 7.53 2.14
C ARG B 172 7.71 8.52 3.32
N LEU B 173 7.49 7.98 4.51
CA LEU B 173 7.55 8.80 5.73
C LEU B 173 8.97 9.32 5.92
N MET B 174 9.96 8.45 5.78
CA MET B 174 11.34 8.89 5.98
C MET B 174 11.79 9.96 4.95
N ALA B 175 11.33 9.82 3.71
CA ALA B 175 11.70 10.75 2.64
C ALA B 175 11.14 12.16 2.87
N GLN B 176 9.86 12.26 3.22
CA GLN B 176 9.26 13.55 3.54
C GLN B 176 9.94 14.17 4.77
N THR B 177 10.17 13.33 5.77
CA THR B 177 10.75 13.79 7.02
C THR B 177 12.17 14.30 6.81
N LYS B 178 12.98 13.51 6.11
CA LYS B 178 14.35 13.94 5.86
C LYS B 178 14.39 15.20 5.00
N ALA B 179 13.44 15.32 4.09
CA ALA B 179 13.38 16.45 3.16
C ALA B 179 13.18 17.77 3.88
N LYS B 180 12.30 17.77 4.88
CA LYS B 180 11.96 19.03 5.56
C LYS B 180 12.58 19.18 6.95
N LEU B 181 13.76 18.60 7.18
CA LEU B 181 14.46 18.74 8.45
C LEU B 181 14.78 20.21 8.73
N ASP B 182 14.95 20.97 7.66
CA ASP B 182 15.26 22.40 7.73
C ASP B 182 14.18 23.21 8.43
N ARG B 183 12.96 22.67 8.53
CA ARG B 183 11.89 23.38 9.22
C ARG B 183 11.96 23.24 10.74
N ILE B 184 12.84 22.36 11.22
CA ILE B 184 12.95 22.14 12.65
C ILE B 184 13.91 23.17 13.26
N VAL B 185 13.44 23.90 14.26
CA VAL B 185 14.29 24.88 14.95
C VAL B 185 14.25 24.80 16.48
N CYS B 186 13.46 23.87 17.02
CA CYS B 186 13.40 23.72 18.47
C CYS B 186 14.65 22.96 18.93
N PRO B 187 15.02 23.09 20.22
CA PRO B 187 16.17 22.37 20.75
C PRO B 187 16.06 20.85 20.54
N ALA B 188 17.16 20.19 20.20
CA ALA B 188 17.10 18.77 19.92
C ALA B 188 18.14 17.99 20.74
N LEU B 189 17.71 16.89 21.34
CA LEU B 189 18.64 15.97 22.00
C LEU B 189 18.59 14.62 21.28
N ILE B 190 19.63 14.32 20.52
CA ILE B 190 19.63 13.19 19.60
C ILE B 190 20.43 12.01 20.15
N PHE B 191 19.72 10.94 20.51
CA PHE B 191 20.36 9.74 21.06
C PHE B 191 20.64 8.78 19.92
N VAL B 192 21.82 8.15 19.96
CA VAL B 192 22.20 7.14 18.96
C VAL B 192 22.95 5.98 19.62
N SER B 193 22.52 4.75 19.33
CA SER B 193 23.24 3.59 19.87
C SER B 193 24.42 3.29 18.95
N ASP B 194 25.62 3.18 19.53
CA ASP B 194 26.82 3.01 18.71
C ASP B 194 26.69 1.74 17.89
N GLU B 195 26.11 0.73 18.54
CA GLU B 195 25.96 -0.61 17.99
C GLU B 195 24.52 -0.90 17.55
N ASP B 196 23.83 0.12 17.04
CA ASP B 196 22.52 -0.12 16.43
C ASP B 196 22.74 -0.98 15.18
N HIS B 197 22.04 -2.12 15.12
CA HIS B 197 22.20 -3.06 13.98
C HIS B 197 21.07 -2.94 12.96
N VAL B 198 20.14 -2.04 13.24
CA VAL B 198 18.98 -1.83 12.37
C VAL B 198 19.03 -0.47 11.63
N VAL B 199 19.17 0.61 12.39
CA VAL B 199 19.31 1.94 11.80
C VAL B 199 20.76 2.39 11.89
N PRO B 200 21.36 2.76 10.76
CA PRO B 200 22.75 3.24 10.73
C PRO B 200 22.94 4.41 11.70
N PRO B 201 23.93 4.32 12.60
CA PRO B 201 24.22 5.41 13.54
C PRO B 201 24.52 6.72 12.82
N GLY B 202 25.00 6.65 11.58
CA GLY B 202 25.20 7.83 10.77
C GLY B 202 23.95 8.67 10.57
N ASN B 203 22.78 8.08 10.74
CA ASN B 203 21.54 8.87 10.70
C ASN B 203 21.51 10.01 11.72
N ALA B 204 22.19 9.81 12.85
CA ALA B 204 22.24 10.85 13.89
C ALA B 204 22.87 12.14 13.37
N ASP B 205 23.95 12.00 12.59
CA ASP B 205 24.63 13.18 12.03
C ASP B 205 23.82 13.83 10.91
N ILE B 206 23.06 13.03 10.16
CA ILE B 206 22.14 13.56 9.14
C ILE B 206 21.09 14.45 9.79
N ILE B 207 20.51 13.98 10.88
CA ILE B 207 19.51 14.75 11.61
C ILE B 207 20.20 16.00 12.14
N PHE B 208 21.37 15.79 12.73
CA PHE B 208 22.11 16.87 13.39
C PHE B 208 22.47 17.99 12.41
N GLN B 209 23.07 17.64 11.27
CA GLN B 209 23.42 18.65 10.27
C GLN B 209 22.18 19.20 9.58
N GLY B 210 21.13 18.38 9.51
CA GLY B 210 19.96 18.70 8.70
C GLY B 210 18.96 19.68 9.29
N ILE B 211 18.79 19.68 10.61
CA ILE B 211 17.81 20.55 11.25
C ILE B 211 18.35 21.98 11.31
N SER B 212 17.47 22.96 11.54
CA SER B 212 17.89 24.36 11.61
C SER B 212 18.06 24.81 13.05
N SER B 213 17.91 23.86 13.98
CA SER B 213 18.07 24.17 15.40
C SER B 213 19.48 24.65 15.77
N THR B 214 19.54 25.64 16.66
CA THR B 214 20.82 26.15 17.13
C THR B 214 21.27 25.41 18.39
N GLU B 215 20.31 24.81 19.08
CA GLU B 215 20.59 24.02 20.27
C GLU B 215 20.40 22.55 19.95
N LYS B 216 21.52 21.87 19.69
CA LYS B 216 21.44 20.48 19.27
C LYS B 216 22.65 19.74 19.78
N GLU B 217 22.45 18.46 20.11
CA GLU B 217 23.49 17.65 20.71
C GLU B 217 23.28 16.19 20.32
N ILE B 218 24.37 15.47 20.08
CA ILE B 218 24.28 14.03 19.89
C ILE B 218 24.79 13.34 21.15
N VAL B 219 24.01 12.39 21.66
CA VAL B 219 24.42 11.61 22.80
C VAL B 219 24.55 10.15 22.39
N ARG B 220 25.77 9.64 22.43
CA ARG B 220 26.02 8.27 22.01
C ARG B 220 25.77 7.33 23.15
N LEU B 221 25.02 6.26 22.87
CA LEU B 221 24.73 5.23 23.87
C LEU B 221 25.65 4.04 23.61
N ARG B 222 26.44 3.68 24.61
CA ARG B 222 27.58 2.79 24.40
C ARG B 222 27.29 1.35 24.78
N ASN B 223 26.16 1.11 25.43
CA ASN B 223 25.84 -0.22 25.92
C ASN B 223 24.44 -0.65 25.47
N SER B 224 24.08 -0.31 24.24
CA SER B 224 22.72 -0.56 23.73
C SER B 224 22.72 -0.89 22.26
N TYR B 225 21.83 -1.78 21.84
CA TYR B 225 21.59 -2.00 20.42
C TYR B 225 20.31 -1.23 20.09
N HIS B 226 19.76 -1.45 18.90
CA HIS B 226 18.65 -0.64 18.40
C HIS B 226 17.54 -0.20 19.38
N VAL B 227 16.93 -1.16 20.08
CA VAL B 227 15.80 -0.85 20.94
C VAL B 227 16.30 -0.26 22.27
N ALA B 228 16.98 0.89 22.20
CA ALA B 228 17.72 1.44 23.37
C ALA B 228 16.86 1.81 24.59
N THR B 229 15.59 2.11 24.38
CA THR B 229 14.70 2.50 25.48
C THR B 229 14.42 1.35 26.45
N LEU B 230 14.64 0.12 25.99
CA LEU B 230 14.36 -1.08 26.81
C LEU B 230 15.66 -1.75 27.21
N ASP B 231 16.75 -1.25 26.64
CA ASP B 231 18.09 -1.83 26.78
C ASP B 231 18.84 -1.28 27.98
N TYR B 232 20.15 -1.54 28.03
CA TYR B 232 20.95 -1.20 29.22
C TYR B 232 21.07 0.30 29.47
N ASP B 233 21.07 1.09 28.39
CA ASP B 233 21.21 2.54 28.51
C ASP B 233 19.90 3.24 28.90
N GLN B 234 18.85 2.46 29.15
CA GLN B 234 17.55 3.06 29.54
C GLN B 234 17.67 4.13 30.65
N PRO B 235 18.31 3.81 31.80
CA PRO B 235 18.46 4.82 32.84
C PRO B 235 19.11 6.10 32.33
N MET B 236 20.08 5.97 31.43
CA MET B 236 20.78 7.15 30.92
C MET B 236 19.90 7.99 29.99
N ILE B 237 19.08 7.33 29.17
CA ILE B 237 18.17 8.08 28.34
C ILE B 237 17.20 8.89 29.22
N ILE B 238 16.68 8.24 30.25
CA ILE B 238 15.70 8.89 31.12
C ILE B 238 16.33 10.11 31.81
N GLU B 239 17.51 9.92 32.39
CA GLU B 239 18.12 10.99 33.18
C GLU B 239 18.46 12.20 32.35
N ARG B 240 19.03 12.00 31.16
CA ARG B 240 19.40 13.15 30.35
C ARG B 240 18.20 13.73 29.61
N SER B 241 17.17 12.93 29.39
CA SER B 241 15.95 13.50 28.82
C SER B 241 15.27 14.38 29.87
N LEU B 242 15.26 13.91 31.12
CA LEU B 242 14.71 14.70 32.22
C LEU B 242 15.44 16.03 32.40
N GLU B 243 16.77 15.98 32.40
CA GLU B 243 17.60 17.20 32.45
C GLU B 243 17.24 18.13 31.28
N PHE B 244 17.14 17.56 30.08
CA PHE B 244 16.77 18.30 28.89
C PHE B 244 15.43 18.98 29.05
N PHE B 245 14.44 18.26 29.60
CA PHE B 245 13.09 18.81 29.75
C PHE B 245 13.11 19.98 30.74
N ALA B 246 13.83 19.79 31.83
CA ALA B 246 13.92 20.80 32.88
C ALA B 246 14.52 22.09 32.35
N LYS B 247 15.62 21.99 31.60
CA LYS B 247 16.31 23.18 31.10
C LYS B 247 15.53 23.93 30.02
N HIS B 248 14.57 23.26 29.39
CA HIS B 248 13.84 23.90 28.29
C HIS B 248 12.34 24.12 28.56
N ALA B 249 11.92 23.98 29.81
CA ALA B 249 10.50 24.10 30.13
C ALA B 249 9.92 25.50 29.86
N GLY B 250 10.79 26.51 29.84
CA GLY B 250 10.41 27.84 29.36
C GLY B 250 9.49 28.65 30.26
CL CL C . -4.78 1.97 -22.47
S SO4 D . -2.18 -5.08 -17.99
O1 SO4 D . -1.69 -3.80 -17.48
O2 SO4 D . -2.95 -4.85 -19.24
O3 SO4 D . -1.04 -5.95 -18.29
O4 SO4 D . -2.99 -5.69 -16.94
CL CL E . 7.23 -3.13 21.75
S SO4 F . 11.19 0.37 14.77
O1 SO4 F . 11.24 0.43 16.23
O2 SO4 F . 10.28 -0.71 14.37
O3 SO4 F . 10.74 1.64 14.15
O4 SO4 F . 12.54 0.06 14.26
#